data_6J29
#
_entry.id   6J29
#
_cell.length_a   155.825
_cell.length_b   79.492
_cell.length_c   44.823
_cell.angle_alpha   90.00
_cell.angle_beta   94.04
_cell.angle_gamma   90.00
#
_symmetry.space_group_name_H-M   'C 1 2 1'
#
loop_
_entity.id
_entity.type
_entity.pdbx_description
1 polymer HLA-A*3003
2 polymer MTB
3 polymer Beta-2-microglobulin
4 water water
#
loop_
_entity_poly.entity_id
_entity_poly.type
_entity_poly.pdbx_seq_one_letter_code
_entity_poly.pdbx_strand_id
1 'polypeptide(L)'
;GSHSMRYFSTSVSRPGSGEPRFIAVGYVDDTQFVRFDSDAASQRMEPRAPWIEQEGPEYWDQETRNVKAHSQTDRENLGT
LRGYYNQSEAGSHTIQIMYGCDVGSDGRFLRGYEQHAYDGKDYIALNEDLRSWTAADMAAQITQRKWEAARRAEQLRAYL
EGTCVEWLRRYLENGKETLQRTDPPKTHMTHHPISDHEATLRCWALGFYPAEITLTWQRDGEDQTQDTELVETRPAGDGT
FQKWAAVVVPSGEEQRYTCHVQHEGLPKPLTLRW
;
A
2 'polypeptide(L)' QIMYNYPAM C
3 'polypeptide(L)'
;IQRTPKIQVYSRHPAENGKSNFLNCYVSGFHPSDIEVDLLKNGERIEKVEHSDLSFSKDWSFYLLYYTEFTPTEKDEYAC
RVNHVTLSQPKIVKWDRDM
;
B
#
# COMPACT_ATOMS: atom_id res chain seq x y z
N GLY A 1 1.67 -0.09 -21.82
CA GLY A 1 1.06 -0.90 -20.79
C GLY A 1 2.06 -1.83 -20.13
N SER A 2 3.02 -1.23 -19.41
CA SER A 2 3.95 -2.00 -18.58
C SER A 2 3.22 -2.51 -17.33
N HIS A 3 3.77 -3.58 -16.73
CA HIS A 3 3.14 -4.23 -15.59
C HIS A 3 4.20 -4.62 -14.59
N SER A 4 3.76 -4.84 -13.35
CA SER A 4 4.67 -5.19 -12.28
C SER A 4 4.11 -6.34 -11.45
N MET A 5 5.02 -7.11 -10.87
CA MET A 5 4.68 -8.03 -9.79
C MET A 5 5.56 -7.68 -8.60
N ARG A 6 4.95 -7.64 -7.43
CA ARG A 6 5.70 -7.36 -6.22
C ARG A 6 5.25 -8.28 -5.11
N TYR A 7 6.22 -8.81 -4.39
CA TYR A 7 5.97 -9.54 -3.14
C TYR A 7 6.53 -8.74 -1.98
N PHE A 8 5.78 -8.68 -0.89
CA PHE A 8 6.17 -7.96 0.31
C PHE A 8 6.08 -8.89 1.51
N SER A 9 7.06 -8.84 2.39
CA SER A 9 6.85 -9.56 3.63
C SER A 9 7.38 -8.76 4.82
N THR A 10 6.78 -8.98 5.97
CA THR A 10 7.10 -8.31 7.23
C THR A 10 7.22 -9.37 8.29
N SER A 11 8.34 -9.44 8.99
CA SER A 11 8.51 -10.35 10.12
C SER A 11 8.74 -9.52 11.36
N VAL A 12 7.95 -9.76 12.41
CA VAL A 12 8.02 -8.95 13.62
C VAL A 12 8.25 -9.89 14.81
N SER A 13 9.35 -9.68 15.54
CA SER A 13 9.62 -10.53 16.67
C SER A 13 8.69 -10.19 17.84
N ARG A 14 8.39 -11.18 18.64
CA ARG A 14 7.48 -11.01 19.78
C ARG A 14 8.20 -11.48 21.03
N PRO A 15 8.76 -10.57 21.82
CA PRO A 15 9.67 -10.99 22.89
C PRO A 15 8.99 -11.94 23.87
N GLY A 16 9.79 -12.89 24.35
CA GLY A 16 9.34 -13.89 25.27
C GLY A 16 9.38 -15.27 24.62
N SER A 17 8.34 -16.05 24.89
CA SER A 17 8.24 -17.41 24.36
C SER A 17 7.90 -17.44 22.88
N GLY A 18 7.21 -16.40 22.35
CA GLY A 18 6.60 -16.50 21.06
C GLY A 18 7.59 -16.47 19.90
N GLU A 19 7.13 -17.02 18.76
CA GLU A 19 7.76 -16.94 17.45
C GLU A 19 7.32 -15.67 16.76
N PRO A 20 8.01 -15.23 15.70
CA PRO A 20 7.63 -13.97 15.07
C PRO A 20 6.33 -14.09 14.29
N ARG A 21 5.68 -12.94 14.14
CA ARG A 21 4.53 -12.79 13.25
C ARG A 21 5.06 -12.49 11.85
N PHE A 22 4.73 -13.34 10.88
CA PHE A 22 5.19 -13.17 9.49
C PHE A 22 3.98 -12.97 8.61
N ILE A 23 3.96 -11.88 7.85
CA ILE A 23 2.87 -11.57 6.94
C ILE A 23 3.48 -11.29 5.56
N ALA A 24 3.04 -12.03 4.56
CA ALA A 24 3.47 -11.82 3.19
C ALA A 24 2.25 -11.58 2.29
N VAL A 25 2.42 -10.68 1.33
CA VAL A 25 1.38 -10.39 0.35
C VAL A 25 2.02 -10.32 -1.03
N GLY A 26 1.24 -10.64 -2.04
CA GLY A 26 1.67 -10.44 -3.42
C GLY A 26 0.70 -9.63 -4.23
N TYR A 27 1.25 -8.83 -5.12
CA TYR A 27 0.51 -7.96 -5.96
C TYR A 27 0.90 -8.04 -7.45
N VAL A 28 -0.08 -7.88 -8.32
CA VAL A 28 0.17 -7.67 -9.73
C VAL A 28 -0.37 -6.24 -9.93
N ASP A 29 0.49 -5.35 -10.39
CA ASP A 29 0.16 -3.93 -10.46
C ASP A 29 -0.38 -3.45 -9.10
N ASP A 30 -1.61 -2.99 -9.10
CA ASP A 30 -2.19 -2.49 -7.85
C ASP A 30 -3.24 -3.43 -7.27
N THR A 31 -3.22 -4.71 -7.67
CA THR A 31 -4.23 -5.71 -7.33
C THR A 31 -3.57 -6.81 -6.51
N GLN A 32 -3.96 -6.94 -5.23
CA GLN A 32 -3.40 -8.02 -4.41
C GLN A 32 -3.95 -9.36 -4.89
N PHE A 33 -3.10 -10.43 -4.85
CA PHE A 33 -3.61 -11.75 -5.28
C PHE A 33 -3.31 -12.92 -4.36
N VAL A 34 -2.39 -12.77 -3.38
CA VAL A 34 -2.11 -13.82 -2.42
C VAL A 34 -1.74 -13.20 -1.10
N ARG A 35 -1.95 -13.97 -0.03
CA ARG A 35 -1.46 -13.60 1.30
C ARG A 35 -1.03 -14.83 2.07
N PHE A 36 -0.14 -14.61 3.02
CA PHE A 36 0.16 -15.60 4.04
C PHE A 36 0.28 -14.88 5.36
N ASP A 37 -0.37 -15.40 6.41
CA ASP A 37 -0.26 -14.83 7.75
C ASP A 37 0.07 -15.95 8.74
N SER A 38 1.28 -15.94 9.29
CA SER A 38 1.70 -17.03 10.18
C SER A 38 0.77 -17.18 11.39
N ASP A 39 0.03 -16.13 11.75
CA ASP A 39 -0.89 -16.22 12.90
C ASP A 39 -2.19 -16.92 12.55
N ALA A 40 -2.51 -17.02 11.27
CA ALA A 40 -3.80 -17.51 10.82
C ALA A 40 -3.89 -19.02 11.00
N ALA A 41 -5.13 -19.52 11.02
CA ALA A 41 -5.33 -20.95 11.24
C ALA A 41 -4.91 -21.80 10.04
N SER A 42 -4.99 -21.26 8.82
CA SER A 42 -4.81 -22.13 7.66
C SER A 42 -3.37 -22.61 7.51
N GLN A 43 -2.40 -21.79 7.89
CA GLN A 43 -0.97 -22.08 7.61
C GLN A 43 -0.73 -22.39 6.13
N ARG A 44 -1.47 -21.72 5.26
CA ARG A 44 -1.32 -21.89 3.83
C ARG A 44 -1.25 -20.52 3.16
N MET A 45 -0.57 -20.48 2.01
CA MET A 45 -0.79 -19.36 1.12
C MET A 45 -2.24 -19.36 0.65
N GLU A 46 -2.88 -18.19 0.66
CA GLU A 46 -4.30 -18.06 0.37
C GLU A 46 -4.55 -17.11 -0.78
N PRO A 47 -5.57 -17.35 -1.58
CA PRO A 47 -5.85 -16.48 -2.72
C PRO A 47 -6.58 -15.25 -2.25
N ARG A 48 -6.30 -14.14 -2.94
CA ARG A 48 -6.95 -12.88 -2.65
C ARG A 48 -7.43 -12.17 -3.92
N ALA A 49 -7.34 -12.83 -5.07
CA ALA A 49 -7.97 -12.39 -6.30
C ALA A 49 -8.66 -13.59 -6.93
N PRO A 50 -9.79 -13.38 -7.61
CA PRO A 50 -10.48 -14.52 -8.23
C PRO A 50 -9.63 -15.30 -9.24
N TRP A 51 -8.77 -14.63 -10.03
CA TRP A 51 -8.08 -15.23 -11.15
C TRP A 51 -6.91 -16.12 -10.74
N ILE A 52 -6.53 -16.14 -9.46
CA ILE A 52 -5.51 -17.09 -9.01
C ILE A 52 -6.10 -18.39 -8.46
N GLU A 53 -7.42 -18.46 -8.23
CA GLU A 53 -7.95 -19.68 -7.60
C GLU A 53 -7.94 -20.87 -8.56
N GLN A 54 -7.80 -20.63 -9.87
CA GLN A 54 -7.74 -21.71 -10.85
C GLN A 54 -6.43 -22.50 -10.77
N GLU A 55 -5.38 -21.95 -10.17
CA GLU A 55 -4.14 -22.72 -10.01
C GLU A 55 -4.40 -23.96 -9.16
N GLY A 56 -3.71 -25.05 -9.48
CA GLY A 56 -4.06 -26.34 -8.91
C GLY A 56 -3.36 -26.55 -7.61
N PRO A 57 -3.66 -27.66 -6.95
CA PRO A 57 -3.00 -27.95 -5.68
C PRO A 57 -1.51 -27.89 -5.78
N GLU A 58 -0.93 -28.12 -6.96
CA GLU A 58 0.51 -28.11 -7.03
C GLU A 58 1.04 -26.68 -6.87
N TYR A 59 0.30 -25.68 -7.40
CA TYR A 59 0.72 -24.28 -7.23
C TYR A 59 0.70 -23.89 -5.76
N TRP A 60 -0.41 -24.20 -5.09
CA TRP A 60 -0.58 -23.85 -3.68
C TRP A 60 0.35 -24.63 -2.79
N ASP A 61 0.61 -25.91 -3.08
CA ASP A 61 1.53 -26.67 -2.22
C ASP A 61 2.93 -26.04 -2.24
N GLN A 62 3.40 -25.64 -3.42
CA GLN A 62 4.73 -25.05 -3.51
C GLN A 62 4.77 -23.67 -2.87
N GLU A 63 3.78 -22.83 -3.16
CA GLU A 63 3.77 -21.51 -2.51
C GLU A 63 3.75 -21.63 -0.99
N THR A 64 2.91 -22.53 -0.46
CA THR A 64 2.84 -22.69 0.98
C THR A 64 4.15 -23.18 1.56
N ARG A 65 4.72 -24.16 0.91
CA ARG A 65 5.97 -24.69 1.37
C ARG A 65 7.09 -23.61 1.41
N ASN A 66 7.18 -22.85 0.33
CA ASN A 66 8.27 -21.88 0.24
C ASN A 66 8.02 -20.66 1.16
N VAL A 67 6.77 -20.22 1.30
CA VAL A 67 6.51 -19.06 2.17
C VAL A 67 6.76 -19.41 3.64
N LYS A 68 6.45 -20.65 4.05
CA LYS A 68 6.80 -21.10 5.39
C LYS A 68 8.30 -21.14 5.59
N ALA A 69 9.04 -21.60 4.57
CA ALA A 69 10.49 -21.55 4.70
C ALA A 69 10.99 -20.13 4.80
N HIS A 70 10.38 -19.22 4.02
CA HIS A 70 10.78 -17.82 4.09
C HIS A 70 10.58 -17.29 5.51
N SER A 71 9.47 -17.66 6.14
CA SER A 71 9.20 -17.17 7.51
C SER A 71 10.25 -17.71 8.47
N GLN A 72 10.71 -18.95 8.25
CA GLN A 72 11.69 -19.52 9.16
C GLN A 72 13.06 -18.88 8.97
N THR A 73 13.40 -18.55 7.72
CA THR A 73 14.64 -17.84 7.47
C THR A 73 14.61 -16.47 8.13
N ASP A 74 13.49 -15.76 8.01
CA ASP A 74 13.40 -14.45 8.66
C ASP A 74 13.46 -14.56 10.17
N ARG A 75 12.88 -15.63 10.75
CA ARG A 75 13.00 -15.84 12.18
C ARG A 75 14.47 -15.96 12.60
N GLU A 76 15.26 -16.72 11.83
CA GLU A 76 16.68 -16.82 12.10
C GLU A 76 17.38 -15.47 11.86
N ASN A 77 17.01 -14.76 10.80
CA ASN A 77 17.66 -13.48 10.53
C ASN A 77 17.37 -12.44 11.61
N LEU A 78 16.18 -12.45 12.23
CA LEU A 78 15.96 -11.55 13.36
C LEU A 78 17.01 -11.77 14.46
N GLY A 79 17.39 -13.02 14.72
CA GLY A 79 18.42 -13.25 15.71
C GLY A 79 19.77 -12.78 15.22
N THR A 80 20.08 -13.06 13.94
CA THR A 80 21.37 -12.62 13.40
C THR A 80 21.53 -11.11 13.50
N LEU A 81 20.50 -10.36 13.08
CA LEU A 81 20.62 -8.91 13.09
C LEU A 81 20.66 -8.36 14.49
N ARG A 82 19.90 -8.96 15.42
CA ARG A 82 19.99 -8.59 16.82
C ARG A 82 21.43 -8.67 17.28
N GLY A 83 22.14 -9.72 16.86
CA GLY A 83 23.54 -9.87 17.24
C GLY A 83 24.44 -8.83 16.62
N TYR A 84 24.27 -8.57 15.31
CA TYR A 84 25.09 -7.57 14.64
C TYR A 84 24.98 -6.24 15.36
N TYR A 85 23.79 -5.89 15.81
CA TYR A 85 23.52 -4.59 16.39
C TYR A 85 23.59 -4.58 17.91
N ASN A 86 23.96 -5.72 18.51
CA ASN A 86 24.14 -5.80 19.98
C ASN A 86 22.86 -5.43 20.71
N GLN A 87 21.73 -5.91 20.17
CA GLN A 87 20.43 -5.61 20.73
C GLN A 87 19.96 -6.72 21.65
N SER A 88 19.19 -6.31 22.66
CA SER A 88 18.66 -7.23 23.63
C SER A 88 17.56 -8.08 23.03
N GLU A 89 17.22 -9.16 23.73
CA GLU A 89 16.06 -9.97 23.38
C GLU A 89 14.75 -9.33 23.83
N ALA A 90 14.80 -8.24 24.60
CA ALA A 90 13.60 -7.70 25.19
C ALA A 90 12.72 -6.95 24.22
N GLY A 91 13.28 -6.41 23.13
CA GLY A 91 12.51 -5.59 22.23
C GLY A 91 12.00 -6.33 21.01
N SER A 92 10.92 -5.78 20.44
CA SER A 92 10.40 -6.25 19.15
C SER A 92 11.13 -5.54 18.02
N HIS A 93 11.53 -6.31 17.00
CA HIS A 93 12.18 -5.74 15.81
C HIS A 93 11.53 -6.31 14.57
N THR A 94 11.77 -5.64 13.43
CA THR A 94 11.01 -5.87 12.21
C THR A 94 11.99 -6.05 11.06
N ILE A 95 11.79 -7.08 10.26
CA ILE A 95 12.49 -7.25 8.98
C ILE A 95 11.45 -7.14 7.88
N GLN A 96 11.75 -6.30 6.87
CA GLN A 96 10.84 -6.14 5.74
C GLN A 96 11.60 -6.44 4.45
N ILE A 97 10.92 -7.04 3.48
CA ILE A 97 11.50 -7.31 2.17
C ILE A 97 10.46 -6.99 1.11
N MET A 98 10.90 -6.34 0.04
CA MET A 98 10.11 -6.19 -1.16
C MET A 98 10.91 -6.72 -2.33
N TYR A 99 10.27 -7.50 -3.20
CA TYR A 99 10.97 -7.92 -4.41
C TYR A 99 10.00 -8.09 -5.55
N GLY A 100 10.53 -8.12 -6.77
CA GLY A 100 9.68 -8.44 -7.92
C GLY A 100 10.27 -7.88 -9.20
N CYS A 101 9.41 -7.73 -10.19
CA CYS A 101 9.88 -7.43 -11.54
C CYS A 101 8.86 -6.56 -12.26
N ASP A 102 9.34 -5.82 -13.25
CA ASP A 102 8.51 -5.10 -14.20
C ASP A 102 8.70 -5.70 -15.59
N VAL A 103 7.62 -5.73 -16.37
CA VAL A 103 7.69 -6.11 -17.78
C VAL A 103 7.02 -5.02 -18.61
N GLY A 104 7.42 -4.94 -19.86
CA GLY A 104 6.78 -4.06 -20.80
C GLY A 104 5.49 -4.63 -21.36
N SER A 105 4.89 -3.87 -22.28
CA SER A 105 3.66 -4.33 -22.90
C SER A 105 3.87 -5.57 -23.76
N ASP A 106 5.11 -5.85 -24.19
CA ASP A 106 5.41 -7.08 -24.91
C ASP A 106 5.76 -8.23 -23.97
N GLY A 107 5.55 -8.06 -22.67
CA GLY A 107 5.75 -9.12 -21.71
C GLY A 107 7.20 -9.46 -21.47
N ARG A 108 8.13 -8.58 -21.85
CA ARG A 108 9.55 -8.89 -21.69
C ARG A 108 10.12 -8.11 -20.51
N PHE A 109 11.09 -8.72 -19.85
CA PHE A 109 11.72 -8.12 -18.66
C PHE A 109 12.15 -6.68 -18.88
N LEU A 110 11.77 -5.79 -17.96
CA LEU A 110 12.26 -4.41 -17.87
C LEU A 110 13.18 -4.16 -16.68
N ARG A 111 12.77 -4.55 -15.47
CA ARG A 111 13.51 -4.17 -14.27
C ARG A 111 13.25 -5.19 -13.17
N GLY A 112 14.22 -5.38 -12.27
CA GLY A 112 14.04 -6.25 -11.12
C GLY A 112 14.46 -5.56 -9.84
N TYR A 113 13.94 -6.08 -8.72
CA TYR A 113 14.11 -5.47 -7.40
C TYR A 113 14.21 -6.51 -6.30
N GLU A 114 15.07 -6.20 -5.31
CA GLU A 114 15.00 -6.90 -4.03
C GLU A 114 15.55 -5.94 -2.97
N GLN A 115 14.69 -5.45 -2.07
CA GLN A 115 15.15 -4.52 -1.04
C GLN A 115 14.82 -5.05 0.35
N HIS A 116 15.76 -4.87 1.29
CA HIS A 116 15.57 -5.31 2.67
C HIS A 116 15.70 -4.14 3.64
N ALA A 117 14.86 -4.16 4.70
CA ALA A 117 14.92 -3.16 5.77
C ALA A 117 14.97 -3.85 7.12
N TYR A 118 15.56 -3.17 8.09
CA TYR A 118 15.53 -3.59 9.48
C TYR A 118 15.02 -2.43 10.31
N ASP A 119 13.96 -2.67 11.10
CA ASP A 119 13.38 -1.64 11.96
C ASP A 119 13.00 -0.37 11.17
N GLY A 120 12.52 -0.60 9.93
CA GLY A 120 11.96 0.48 9.14
C GLY A 120 12.98 1.30 8.41
N LYS A 121 14.23 0.92 8.43
CA LYS A 121 15.30 1.63 7.76
C LYS A 121 15.98 0.71 6.73
N ASP A 122 16.48 1.31 5.65
CA ASP A 122 17.25 0.54 4.66
C ASP A 122 18.32 -0.32 5.33
N TYR A 123 18.44 -1.57 4.85
CA TYR A 123 19.52 -2.46 5.28
C TYR A 123 20.38 -2.87 4.11
N ILE A 124 19.86 -3.61 3.13
CA ILE A 124 20.64 -3.95 1.94
C ILE A 124 19.67 -4.05 0.79
N ALA A 125 20.11 -3.68 -0.41
CA ALA A 125 19.26 -3.79 -1.60
C ALA A 125 20.10 -4.23 -2.79
N LEU A 126 19.44 -4.94 -3.70
CA LEU A 126 20.04 -5.27 -4.99
C LEU A 126 20.01 -4.04 -5.87
N ASN A 127 21.13 -3.76 -6.54
CA ASN A 127 21.19 -2.59 -7.40
C ASN A 127 20.46 -2.86 -8.72
N GLU A 128 20.20 -1.78 -9.45
CA GLU A 128 19.46 -1.90 -10.71
C GLU A 128 20.13 -2.85 -11.69
N ASP A 129 21.43 -3.00 -11.55
CA ASP A 129 22.11 -3.87 -12.47
C ASP A 129 21.97 -5.36 -12.18
N LEU A 130 21.31 -5.67 -11.10
CA LEU A 130 21.08 -7.04 -10.62
C LEU A 130 22.36 -7.83 -10.43
N ARG A 131 23.49 -7.10 -10.23
CA ARG A 131 24.79 -7.70 -10.09
C ARG A 131 25.57 -7.18 -8.91
N SER A 132 25.02 -6.25 -8.16
CA SER A 132 25.76 -5.62 -7.09
C SER A 132 24.77 -5.20 -6.03
N TRP A 133 25.29 -4.90 -4.83
CA TRP A 133 24.50 -4.62 -3.64
C TRP A 133 24.83 -3.26 -3.04
N THR A 134 23.82 -2.65 -2.43
CA THR A 134 24.00 -1.42 -1.66
C THR A 134 23.68 -1.73 -0.22
N ALA A 135 24.70 -1.62 0.64
CA ALA A 135 24.55 -1.85 2.07
C ALA A 135 24.55 -0.52 2.79
N ALA A 136 23.67 -0.38 3.78
CA ALA A 136 23.52 0.92 4.44
C ALA A 136 24.58 1.18 5.50
N ASP A 137 25.14 0.13 6.08
CA ASP A 137 26.05 0.26 7.20
C ASP A 137 26.96 -0.97 7.25
N MET A 138 27.82 -1.03 8.28
CA MET A 138 28.79 -2.11 8.33
C MET A 138 28.15 -3.46 8.63
N ALA A 139 27.04 -3.48 9.39
CA ALA A 139 26.34 -4.74 9.61
C ALA A 139 25.87 -5.29 8.28
N ALA A 140 25.27 -4.42 7.47
CA ALA A 140 24.74 -4.88 6.19
C ALA A 140 25.86 -5.30 5.25
N GLN A 141 27.08 -4.76 5.44
CA GLN A 141 28.18 -5.25 4.62
C GLN A 141 28.67 -6.63 5.09
N ILE A 142 28.37 -7.06 6.33
CA ILE A 142 28.62 -8.46 6.66
C ILE A 142 27.73 -9.34 5.81
N THR A 143 26.44 -9.00 5.77
CA THR A 143 25.50 -9.70 4.89
C THR A 143 25.95 -9.65 3.45
N GLN A 144 26.28 -8.46 2.95
CA GLN A 144 26.73 -8.31 1.57
C GLN A 144 27.86 -9.28 1.24
N ARG A 145 28.86 -9.35 2.12
CA ARG A 145 29.98 -10.23 1.79
C ARG A 145 29.57 -11.70 1.76
N LYS A 146 28.62 -12.10 2.61
CA LYS A 146 28.08 -13.46 2.54
C LYS A 146 27.41 -13.69 1.20
N TRP A 147 26.65 -12.72 0.74
CA TRP A 147 25.92 -12.90 -0.51
C TRP A 147 26.87 -12.83 -1.70
N GLU A 148 27.97 -12.08 -1.60
CA GLU A 148 28.98 -12.06 -2.65
C GLU A 148 29.65 -13.42 -2.78
N ALA A 149 30.03 -14.02 -1.63
CA ALA A 149 30.67 -15.33 -1.64
C ALA A 149 29.74 -16.41 -2.17
N ALA A 150 28.43 -16.28 -1.95
CA ALA A 150 27.46 -17.27 -2.38
C ALA A 150 26.97 -17.06 -3.81
N ARG A 151 27.45 -16.03 -4.51
CA ARG A 151 26.95 -15.67 -5.86
C ARG A 151 25.44 -15.49 -5.83
N ARG A 152 24.94 -14.85 -4.78
CA ARG A 152 23.49 -14.71 -4.66
C ARG A 152 22.93 -13.83 -5.76
N ALA A 153 23.65 -12.75 -6.14
CA ALA A 153 23.11 -11.88 -7.17
C ALA A 153 22.76 -12.63 -8.44
N GLU A 154 23.62 -13.56 -8.88
CA GLU A 154 23.34 -14.29 -10.12
C GLU A 154 22.09 -15.15 -9.96
N GLN A 155 21.95 -15.80 -8.79
CA GLN A 155 20.84 -16.72 -8.55
C GLN A 155 19.55 -15.95 -8.42
N LEU A 156 19.61 -14.78 -7.77
CA LEU A 156 18.43 -13.95 -7.62
C LEU A 156 18.03 -13.31 -8.95
N ARG A 157 19.03 -12.87 -9.73
CA ARG A 157 18.78 -12.33 -11.08
C ARG A 157 18.08 -13.35 -11.97
N ALA A 158 18.45 -14.62 -11.86
CA ALA A 158 17.75 -15.64 -12.63
C ALA A 158 16.26 -15.73 -12.26
N TYR A 159 15.95 -15.65 -10.96
CA TYR A 159 14.56 -15.60 -10.53
C TYR A 159 13.85 -14.35 -11.07
N LEU A 160 14.48 -13.17 -10.96
CA LEU A 160 13.78 -11.92 -11.31
C LEU A 160 13.53 -11.82 -12.80
N GLU A 161 14.49 -12.32 -13.60
CA GLU A 161 14.40 -12.20 -15.06
C GLU A 161 13.67 -13.38 -15.66
N GLY A 162 13.50 -14.46 -14.89
CA GLY A 162 12.97 -15.72 -15.38
C GLY A 162 11.61 -15.97 -14.80
N THR A 163 11.62 -16.68 -13.67
CA THR A 163 10.40 -17.04 -12.95
C THR A 163 9.46 -15.85 -12.79
N CYS A 164 10.01 -14.74 -12.29
CA CYS A 164 9.13 -13.63 -11.94
C CYS A 164 8.39 -13.12 -13.18
N VAL A 165 9.13 -12.96 -14.28
CA VAL A 165 8.55 -12.48 -15.53
C VAL A 165 7.52 -13.49 -16.07
N GLU A 166 7.89 -14.76 -16.09
CA GLU A 166 6.98 -15.70 -16.72
C GLU A 166 5.69 -15.87 -15.95
N TRP A 167 5.75 -15.85 -14.63
CA TRP A 167 4.52 -15.99 -13.87
C TRP A 167 3.70 -14.72 -13.91
N LEU A 168 4.34 -13.55 -13.91
CA LEU A 168 3.60 -12.30 -14.13
C LEU A 168 2.84 -12.37 -15.44
N ARG A 169 3.47 -12.90 -16.50
CA ARG A 169 2.76 -13.05 -17.77
C ARG A 169 1.56 -13.95 -17.62
N ARG A 170 1.72 -15.08 -16.94
CA ARG A 170 0.62 -16.01 -16.71
C ARG A 170 -0.52 -15.34 -15.95
N TYR A 171 -0.20 -14.65 -14.84
CA TYR A 171 -1.24 -13.96 -14.08
C TYR A 171 -1.95 -12.92 -14.92
N LEU A 172 -1.21 -12.17 -15.72
CA LEU A 172 -1.81 -11.11 -16.53
C LEU A 172 -2.78 -11.70 -17.54
N GLU A 173 -2.49 -12.90 -18.03
CA GLU A 173 -3.41 -13.51 -19.00
C GLU A 173 -4.63 -14.05 -18.28
N ASN A 174 -4.40 -14.79 -17.19
CA ASN A 174 -5.51 -15.39 -16.46
C ASN A 174 -6.44 -14.34 -15.88
N GLY A 175 -5.92 -13.17 -15.55
CA GLY A 175 -6.74 -12.08 -15.02
C GLY A 175 -6.98 -10.94 -15.97
N LYS A 176 -6.93 -11.20 -17.28
CA LYS A 176 -6.89 -10.07 -18.21
C LYS A 176 -8.16 -9.23 -18.15
N GLU A 177 -9.30 -9.87 -17.87
CA GLU A 177 -10.57 -9.16 -17.78
C GLU A 177 -10.49 -7.99 -16.80
N THR A 178 -9.70 -8.11 -15.75
CA THR A 178 -9.60 -7.07 -14.74
C THR A 178 -8.23 -6.41 -14.67
N LEU A 179 -7.13 -7.16 -14.87
CA LEU A 179 -5.82 -6.53 -14.72
C LEU A 179 -5.46 -5.66 -15.92
N GLN A 180 -5.97 -5.97 -17.11
CA GLN A 180 -5.60 -5.19 -18.27
C GLN A 180 -6.68 -4.16 -18.61
N ARG A 181 -7.54 -3.85 -17.64
CA ARG A 181 -8.51 -2.77 -17.67
C ARG A 181 -7.85 -1.47 -17.21
N THR A 182 -8.28 -0.35 -17.78
CA THR A 182 -8.10 0.93 -17.12
C THR A 182 -9.48 1.49 -16.84
N ASP A 183 -9.72 1.91 -15.58
CA ASP A 183 -10.95 2.59 -15.24
C ASP A 183 -10.61 4.07 -15.09
N PRO A 184 -11.15 4.94 -15.94
CA PRO A 184 -10.79 6.34 -15.83
C PRO A 184 -11.42 6.95 -14.58
N PRO A 185 -10.80 7.98 -14.02
CA PRO A 185 -11.43 8.69 -12.90
C PRO A 185 -12.73 9.38 -13.32
N LYS A 186 -13.71 9.33 -12.43
CA LYS A 186 -14.87 10.21 -12.49
C LYS A 186 -14.57 11.44 -11.64
N THR A 187 -14.74 12.63 -12.21
CA THR A 187 -14.29 13.84 -11.55
C THR A 187 -15.45 14.75 -11.22
N HIS A 188 -15.34 15.47 -10.11
CA HIS A 188 -16.28 16.53 -9.78
C HIS A 188 -15.61 17.53 -8.85
N MET A 189 -16.23 18.70 -8.73
CA MET A 189 -15.74 19.75 -7.86
C MET A 189 -16.73 20.04 -6.75
N THR A 190 -16.21 20.23 -5.53
CA THR A 190 -17.02 20.78 -4.44
C THR A 190 -16.48 22.13 -3.99
N HIS A 191 -17.33 22.87 -3.27
CA HIS A 191 -17.06 24.25 -2.95
C HIS A 191 -17.59 24.58 -1.58
N HIS A 192 -16.74 25.14 -0.73
CA HIS A 192 -17.09 25.41 0.66
C HIS A 192 -16.70 26.83 1.04
N PRO A 193 -17.66 27.74 1.16
CA PRO A 193 -17.36 29.06 1.71
C PRO A 193 -16.76 28.93 3.10
N ILE A 194 -15.69 29.68 3.34
CA ILE A 194 -15.07 29.75 4.66
C ILE A 194 -15.43 31.05 5.36
N SER A 195 -15.37 32.16 4.65
CA SER A 195 -15.55 33.48 5.26
C SER A 195 -15.93 34.45 4.17
N ASP A 196 -16.16 35.71 4.58
CA ASP A 196 -16.38 36.74 3.58
C ASP A 196 -15.17 36.93 2.67
N HIS A 197 -14.08 36.26 2.95
CA HIS A 197 -13.09 36.45 1.97
C HIS A 197 -12.46 35.21 1.38
N GLU A 198 -12.71 34.07 1.99
CA GLU A 198 -12.08 32.82 1.51
C GLU A 198 -13.12 31.73 1.21
N ALA A 199 -12.74 30.81 0.31
CA ALA A 199 -13.53 29.62 -0.03
C ALA A 199 -12.58 28.48 -0.35
N THR A 200 -13.03 27.25 -0.07
CA THR A 200 -12.26 26.06 -0.40
C THR A 200 -12.85 25.45 -1.68
N LEU A 201 -11.98 25.13 -2.66
CA LEU A 201 -12.35 24.29 -3.80
C LEU A 201 -11.74 22.91 -3.60
N ARG A 202 -12.53 21.84 -3.81
CA ARG A 202 -11.97 20.49 -3.71
C ARG A 202 -12.28 19.70 -4.97
N CYS A 203 -11.21 19.25 -5.66
CA CYS A 203 -11.30 18.53 -6.92
C CYS A 203 -11.18 17.04 -6.64
N TRP A 204 -12.19 16.29 -7.08
CA TRP A 204 -12.30 14.86 -6.77
C TRP A 204 -11.98 14.00 -7.99
N ALA A 205 -11.26 12.89 -7.76
CA ALA A 205 -11.12 11.80 -8.73
C ALA A 205 -11.51 10.49 -8.07
N LEU A 206 -12.52 9.81 -8.63
CA LEU A 206 -13.08 8.61 -8.00
C LEU A 206 -13.10 7.44 -8.99
N GLY A 207 -12.96 6.23 -8.44
CA GLY A 207 -13.24 5.03 -9.21
C GLY A 207 -12.22 4.67 -10.25
N PHE A 208 -10.97 5.09 -10.09
CA PHE A 208 -9.99 4.89 -11.14
C PHE A 208 -9.07 3.71 -10.80
N TYR A 209 -8.50 3.14 -11.88
CA TYR A 209 -7.54 2.03 -11.76
C TYR A 209 -6.69 2.09 -13.02
N PRO A 210 -5.37 2.02 -12.92
CA PRO A 210 -4.59 1.77 -11.70
C PRO A 210 -4.52 2.99 -10.84
N ALA A 211 -3.73 2.92 -9.77
CA ALA A 211 -3.75 3.96 -8.75
C ALA A 211 -3.00 5.21 -9.16
N GLU A 212 -2.04 5.12 -10.08
CA GLU A 212 -1.26 6.28 -10.48
C GLU A 212 -2.16 7.36 -11.09
N ILE A 213 -2.07 8.58 -10.53
CA ILE A 213 -2.89 9.70 -11.02
C ILE A 213 -2.17 10.99 -10.65
N THR A 214 -2.45 12.06 -11.42
CA THR A 214 -1.91 13.39 -11.08
C THR A 214 -3.05 14.38 -11.07
N LEU A 215 -3.23 15.05 -9.93
CA LEU A 215 -4.13 16.19 -9.77
C LEU A 215 -3.31 17.46 -9.57
N THR A 216 -3.56 18.49 -10.40
N THR A 216 -3.57 18.49 -10.38
CA THR A 216 -2.83 19.74 -10.34
CA THR A 216 -2.85 19.74 -10.21
C THR A 216 -3.82 20.89 -10.38
C THR A 216 -3.83 20.90 -10.35
N TRP A 217 -3.51 21.97 -9.67
CA TRP A 217 -4.25 23.23 -9.80
C TRP A 217 -3.49 24.18 -10.69
N GLN A 218 -4.24 24.98 -11.48
CA GLN A 218 -3.67 26.13 -12.17
C GLN A 218 -4.48 27.37 -11.81
N ARG A 219 -3.81 28.49 -11.54
N ARG A 219 -3.80 28.48 -11.51
CA ARG A 219 -4.46 29.78 -11.36
CA ARG A 219 -4.42 29.80 -11.35
C ARG A 219 -4.10 30.66 -12.54
C ARG A 219 -4.08 30.60 -12.59
N ASP A 220 -5.12 31.06 -13.29
CA ASP A 220 -4.97 31.82 -14.52
C ASP A 220 -3.86 31.22 -15.37
N GLY A 221 -3.78 29.89 -15.48
CA GLY A 221 -2.93 29.29 -16.50
C GLY A 221 -1.56 28.78 -16.09
N GLU A 222 -1.11 29.03 -14.87
CA GLU A 222 0.16 28.47 -14.40
C GLU A 222 -0.10 27.62 -13.18
N ASP A 223 0.78 26.65 -12.94
CA ASP A 223 0.57 25.75 -11.80
C ASP A 223 0.46 26.54 -10.51
N GLN A 224 -0.48 26.13 -9.66
CA GLN A 224 -0.74 26.77 -8.38
C GLN A 224 -0.47 25.74 -7.29
N THR A 225 0.49 26.04 -6.42
CA THR A 225 0.85 25.14 -5.34
C THR A 225 0.70 25.76 -3.96
N GLN A 226 0.88 27.08 -3.82
CA GLN A 226 0.60 27.70 -2.54
C GLN A 226 -0.86 27.50 -2.17
N ASP A 227 -1.09 27.25 -0.89
CA ASP A 227 -2.45 27.16 -0.33
C ASP A 227 -3.22 25.98 -0.89
N THR A 228 -2.53 24.90 -1.28
CA THR A 228 -3.14 23.68 -1.78
C THR A 228 -2.94 22.56 -0.78
N GLU A 229 -3.80 21.54 -0.90
CA GLU A 229 -3.73 20.32 -0.11
C GLU A 229 -4.00 19.13 -1.00
N LEU A 230 -3.17 18.10 -0.92
CA LEU A 230 -3.33 16.92 -1.75
C LEU A 230 -3.29 15.72 -0.82
N VAL A 231 -4.38 14.91 -0.78
CA VAL A 231 -4.36 13.69 0.06
C VAL A 231 -3.69 12.55 -0.69
N GLU A 232 -3.16 11.58 0.11
CA GLU A 232 -2.62 10.36 -0.48
C GLU A 232 -3.72 9.64 -1.25
N THR A 233 -3.36 9.09 -2.41
CA THR A 233 -4.29 8.20 -3.11
C THR A 233 -4.68 7.04 -2.19
N ARG A 234 -5.97 6.71 -2.15
CA ARG A 234 -6.54 5.78 -1.18
C ARG A 234 -7.46 4.76 -1.85
N PRO A 235 -7.52 3.55 -1.32
CA PRO A 235 -8.36 2.51 -1.94
C PRO A 235 -9.83 2.72 -1.62
N ALA A 236 -10.65 2.54 -2.64
CA ALA A 236 -12.08 2.57 -2.41
C ALA A 236 -12.60 1.29 -1.78
N GLY A 237 -11.85 0.18 -1.94
CA GLY A 237 -12.24 -1.09 -1.34
C GLY A 237 -12.82 -2.06 -2.34
N ASP A 238 -13.15 -1.59 -3.54
CA ASP A 238 -13.69 -2.39 -4.63
C ASP A 238 -12.69 -2.59 -5.76
N GLY A 239 -11.40 -2.31 -5.52
CA GLY A 239 -10.42 -2.44 -6.56
C GLY A 239 -10.08 -1.15 -7.26
N THR A 240 -10.82 -0.10 -6.98
CA THR A 240 -10.51 1.20 -7.55
C THR A 240 -9.96 2.13 -6.48
N PHE A 241 -9.52 3.31 -6.93
CA PHE A 241 -8.85 4.26 -6.06
C PHE A 241 -9.51 5.63 -6.15
N GLN A 242 -9.16 6.47 -5.18
CA GLN A 242 -9.72 7.81 -4.99
C GLN A 242 -8.60 8.78 -4.64
N LYS A 243 -8.78 10.05 -5.03
CA LYS A 243 -7.88 11.10 -4.57
C LYS A 243 -8.62 12.43 -4.65
N TRP A 244 -8.22 13.38 -3.81
CA TRP A 244 -8.68 14.74 -4.01
C TRP A 244 -7.57 15.75 -3.76
N ALA A 245 -7.78 16.95 -4.29
CA ALA A 245 -6.86 18.05 -4.20
C ALA A 245 -7.67 19.29 -3.88
N ALA A 246 -7.19 20.13 -2.96
CA ALA A 246 -7.98 21.28 -2.57
C ALA A 246 -7.15 22.54 -2.66
N VAL A 247 -7.81 23.67 -2.79
CA VAL A 247 -7.09 24.94 -2.78
C VAL A 247 -7.99 25.98 -2.10
N VAL A 248 -7.37 26.90 -1.35
CA VAL A 248 -8.09 28.01 -0.73
C VAL A 248 -7.93 29.23 -1.62
N VAL A 249 -9.05 29.89 -1.93
CA VAL A 249 -9.10 30.94 -2.94
C VAL A 249 -9.90 32.12 -2.41
N PRO A 250 -9.70 33.30 -2.96
CA PRO A 250 -10.55 34.44 -2.56
C PRO A 250 -11.98 34.15 -2.99
N SER A 251 -12.91 34.36 -2.06
CA SER A 251 -14.30 34.07 -2.34
C SER A 251 -14.77 34.85 -3.56
N GLY A 252 -15.37 34.16 -4.52
CA GLY A 252 -15.86 34.76 -5.71
C GLY A 252 -14.89 34.74 -6.86
N GLU A 253 -13.64 34.36 -6.61
CA GLU A 253 -12.63 34.24 -7.66
C GLU A 253 -12.33 32.80 -8.04
N GLU A 254 -13.31 31.91 -7.84
CA GLU A 254 -13.09 30.49 -8.14
C GLU A 254 -12.85 30.22 -9.61
N GLN A 255 -13.37 31.09 -10.52
CA GLN A 255 -13.21 30.87 -11.96
C GLN A 255 -11.74 30.89 -12.41
N ARG A 256 -10.83 31.43 -11.58
CA ARG A 256 -9.42 31.49 -11.90
C ARG A 256 -8.72 30.16 -11.74
N TYR A 257 -9.36 29.19 -11.07
CA TYR A 257 -8.66 28.01 -10.52
C TYR A 257 -9.19 26.77 -11.21
N THR A 258 -8.31 26.11 -11.97
N THR A 258 -8.33 26.12 -12.00
CA THR A 258 -8.68 24.96 -12.77
CA THR A 258 -8.74 24.95 -12.77
C THR A 258 -8.00 23.73 -12.19
C THR A 258 -8.02 23.73 -12.22
N CYS A 259 -8.77 22.65 -11.99
CA CYS A 259 -8.14 21.38 -11.63
C CYS A 259 -7.84 20.60 -12.89
N HIS A 260 -6.62 20.02 -12.96
CA HIS A 260 -6.20 19.18 -14.07
C HIS A 260 -5.98 17.76 -13.59
N VAL A 261 -6.58 16.80 -14.29
CA VAL A 261 -6.54 15.39 -13.93
C VAL A 261 -5.85 14.58 -15.03
N GLN A 262 -4.76 13.91 -14.68
CA GLN A 262 -4.06 13.05 -15.63
C GLN A 262 -4.16 11.62 -15.15
N HIS A 263 -4.55 10.73 -16.06
CA HIS A 263 -4.66 9.32 -15.71
C HIS A 263 -4.52 8.51 -16.98
N GLU A 264 -3.97 7.31 -16.87
CA GLU A 264 -3.75 6.56 -18.10
C GLU A 264 -5.04 6.13 -18.79
N GLY A 265 -6.17 6.09 -18.08
CA GLY A 265 -7.45 5.79 -18.68
C GLY A 265 -8.12 6.94 -19.39
N LEU A 266 -7.47 8.09 -19.44
CA LEU A 266 -8.06 9.26 -20.08
C LEU A 266 -7.38 9.49 -21.41
N PRO A 267 -8.15 9.59 -22.50
CA PRO A 267 -7.56 9.96 -23.79
C PRO A 267 -6.74 11.23 -23.73
N LYS A 268 -7.22 12.22 -22.99
CA LYS A 268 -6.56 13.50 -22.76
C LYS A 268 -6.87 13.91 -21.33
N PRO A 269 -5.99 14.68 -20.69
CA PRO A 269 -6.26 15.14 -19.31
C PRO A 269 -7.57 15.89 -19.21
N LEU A 270 -8.24 15.76 -18.07
CA LEU A 270 -9.50 16.49 -17.86
C LEU A 270 -9.21 17.79 -17.14
N THR A 271 -9.93 18.84 -17.49
CA THR A 271 -9.87 20.06 -16.70
C THR A 271 -11.28 20.35 -16.17
N LEU A 272 -11.37 20.85 -14.97
CA LEU A 272 -12.63 21.22 -14.35
C LEU A 272 -12.51 22.36 -13.36
N ARG A 273 -13.70 23.04 -13.26
CA ARG A 273 -13.85 24.16 -12.34
C ARG A 273 -15.16 24.00 -11.56
N TRP A 274 -15.23 24.76 -10.46
CA TRP A 274 -16.53 24.96 -9.81
C TRP A 274 -17.48 25.64 -10.82
N GLN B 1 4.62 -16.25 -8.66
CA GLN B 1 5.28 -17.32 -7.90
C GLN B 1 6.44 -16.78 -7.09
N ILE B 2 6.45 -17.07 -5.78
CA ILE B 2 7.52 -16.55 -4.93
C ILE B 2 8.87 -17.27 -5.18
N MET B 3 9.94 -16.59 -4.74
CA MET B 3 11.29 -17.15 -4.84
C MET B 3 11.43 -18.40 -3.94
N TYR B 4 12.42 -19.22 -4.31
CA TYR B 4 12.58 -20.52 -3.67
C TYR B 4 12.95 -20.37 -2.20
N ASN B 5 14.02 -19.62 -1.91
CA ASN B 5 14.41 -19.38 -0.54
C ASN B 5 14.75 -17.91 -0.31
N TYR B 6 14.52 -17.49 0.93
CA TYR B 6 15.09 -16.25 1.43
C TYR B 6 16.54 -16.48 1.87
N PRO B 7 17.34 -15.44 1.81
CA PRO B 7 18.75 -15.57 2.17
C PRO B 7 19.02 -15.42 3.66
N ALA B 8 20.03 -16.16 4.12
CA ALA B 8 20.57 -15.92 5.45
C ALA B 8 21.35 -14.61 5.46
N MET B 9 21.10 -13.79 6.46
CA MET B 9 21.78 -12.51 6.55
C MET B 9 23.04 -12.60 7.37
N ILE C 1 13.18 3.92 15.22
CA ILE C 1 12.40 5.10 14.82
C ILE C 1 10.93 4.72 14.65
N GLN C 2 10.06 5.57 15.18
CA GLN C 2 8.63 5.33 15.15
C GLN C 2 7.98 6.42 14.32
N ARG C 3 6.89 6.06 13.65
CA ARG C 3 6.24 6.94 12.70
C ARG C 3 4.75 6.93 13.01
N THR C 4 4.16 8.11 13.12
CA THR C 4 2.78 8.20 13.54
C THR C 4 1.83 7.98 12.37
N PRO C 5 0.71 7.27 12.57
CA PRO C 5 -0.22 7.04 11.48
C PRO C 5 -0.85 8.30 10.90
N LYS C 6 -1.01 8.29 9.58
CA LYS C 6 -1.91 9.19 8.86
C LYS C 6 -3.27 8.49 8.74
N ILE C 7 -4.35 9.26 8.78
CA ILE C 7 -5.71 8.71 8.83
C ILE C 7 -6.58 9.41 7.79
N GLN C 8 -7.31 8.64 6.99
CA GLN C 8 -8.41 9.14 6.15
C GLN C 8 -9.63 8.28 6.38
N VAL C 9 -10.76 8.90 6.71
CA VAL C 9 -12.03 8.19 6.82
C VAL C 9 -12.99 8.73 5.77
N TYR C 10 -13.64 7.81 5.04
CA TYR C 10 -14.36 8.17 3.83
C TYR C 10 -15.24 7.00 3.41
N SER C 11 -16.21 7.28 2.54
CA SER C 11 -17.03 6.20 2.01
C SER C 11 -16.53 5.75 0.62
N ARG C 12 -16.90 4.52 0.29
CA ARG C 12 -16.56 3.92 -1.00
C ARG C 12 -17.24 4.68 -2.14
N HIS C 13 -18.53 4.94 -2.01
CA HIS C 13 -19.31 5.66 -3.00
C HIS C 13 -19.79 6.97 -2.38
N PRO C 14 -20.16 7.96 -3.20
CA PRO C 14 -20.68 9.19 -2.62
C PRO C 14 -21.90 8.88 -1.74
N ALA C 15 -21.94 9.49 -0.58
CA ALA C 15 -22.94 9.10 0.42
C ALA C 15 -24.34 9.56 0.01
N GLU C 16 -25.31 8.68 0.22
CA GLU C 16 -26.72 8.99 -0.02
C GLU C 16 -27.50 8.44 1.15
N ASN C 17 -28.14 9.32 1.92
CA ASN C 17 -28.90 8.84 3.06
C ASN C 17 -29.86 7.72 2.64
N GLY C 18 -29.79 6.62 3.37
CA GLY C 18 -30.64 5.48 3.12
C GLY C 18 -30.12 4.48 2.12
N LYS C 19 -28.99 4.76 1.45
CA LYS C 19 -28.45 3.85 0.46
C LYS C 19 -27.19 3.16 0.99
N SER C 20 -27.12 1.86 0.75
CA SER C 20 -26.02 1.02 1.23
C SER C 20 -24.69 1.48 0.63
N ASN C 21 -23.62 1.32 1.41
CA ASN C 21 -22.32 1.90 1.07
C ASN C 21 -21.30 1.14 1.90
N PHE C 22 -20.04 1.55 1.78
CA PHE C 22 -18.99 1.04 2.66
C PHE C 22 -18.29 2.21 3.31
N LEU C 23 -17.96 2.03 4.58
CA LEU C 23 -17.23 3.05 5.33
C LEU C 23 -15.79 2.57 5.48
N ASN C 24 -14.84 3.44 5.13
CA ASN C 24 -13.42 3.10 5.04
C ASN C 24 -12.60 3.93 6.02
N CYS C 25 -11.64 3.30 6.69
CA CYS C 25 -10.58 4.06 7.35
C CYS C 25 -9.26 3.55 6.81
N TYR C 26 -8.51 4.42 6.14
CA TYR C 26 -7.23 4.08 5.55
C TYR C 26 -6.15 4.69 6.44
N VAL C 27 -5.30 3.87 7.03
N VAL C 27 -5.33 3.82 7.02
CA VAL C 27 -4.29 4.45 7.86
CA VAL C 27 -4.24 4.19 7.91
C VAL C 27 -2.93 3.95 7.38
C VAL C 27 -2.93 3.94 7.17
N SER C 28 -2.02 4.89 7.25
CA SER C 28 -0.78 4.76 6.47
C SER C 28 0.35 5.52 7.17
N GLY C 29 1.55 5.27 6.69
CA GLY C 29 2.70 6.01 7.15
C GLY C 29 3.22 5.67 8.53
N PHE C 30 2.83 4.52 9.10
CA PHE C 30 3.15 4.27 10.50
C PHE C 30 4.21 3.18 10.63
N HIS C 31 4.89 3.19 11.78
CA HIS C 31 5.88 2.17 12.10
C HIS C 31 6.05 2.27 13.62
N PRO C 32 6.06 1.17 14.37
CA PRO C 32 5.94 -0.22 13.97
C PRO C 32 4.54 -0.65 13.57
N SER C 33 4.39 -1.95 13.29
CA SER C 33 3.19 -2.42 12.61
C SER C 33 2.00 -2.62 13.53
N ASP C 34 2.20 -2.86 14.81
CA ASP C 34 1.04 -3.08 15.70
C ASP C 34 0.20 -1.81 15.80
N ILE C 35 -1.11 -1.94 15.56
CA ILE C 35 -1.98 -0.77 15.55
C ILE C 35 -3.41 -1.22 15.86
N GLU C 36 -4.20 -0.32 16.43
CA GLU C 36 -5.62 -0.57 16.65
C GLU C 36 -6.39 0.41 15.80
N VAL C 37 -7.31 -0.11 15.00
CA VAL C 37 -8.15 0.74 14.13
C VAL C 37 -9.59 0.29 14.29
N ASP C 38 -10.48 1.25 14.56
CA ASP C 38 -11.89 0.93 14.70
C ASP C 38 -12.72 1.98 13.97
N LEU C 39 -13.90 1.54 13.53
CA LEU C 39 -14.90 2.44 12.98
C LEU C 39 -15.97 2.66 14.06
N LEU C 40 -16.35 3.92 14.28
CA LEU C 40 -17.31 4.23 15.32
C LEU C 40 -18.63 4.69 14.71
N LYS C 41 -19.74 4.27 15.33
CA LYS C 41 -21.08 4.74 15.00
C LYS C 41 -21.62 5.40 16.26
N ASN C 42 -21.87 6.73 16.20
CA ASN C 42 -22.35 7.47 17.37
C ASN C 42 -21.49 7.17 18.60
N GLY C 43 -20.18 7.07 18.39
CA GLY C 43 -19.24 6.89 19.47
C GLY C 43 -19.00 5.46 19.91
N GLU C 44 -19.68 4.49 19.31
CA GLU C 44 -19.58 3.08 19.64
C GLU C 44 -18.85 2.31 18.54
N ARG C 45 -17.99 1.38 18.96
CA ARG C 45 -17.29 0.58 17.97
C ARG C 45 -18.24 -0.30 17.17
N ILE C 46 -18.05 -0.29 15.85
CA ILE C 46 -18.77 -1.18 14.96
C ILE C 46 -18.13 -2.56 15.01
N GLU C 47 -18.96 -3.60 15.19
CA GLU C 47 -18.44 -4.95 15.41
C GLU C 47 -17.88 -5.61 14.14
N LYS C 48 -18.56 -5.50 13.02
CA LYS C 48 -18.17 -6.34 11.87
C LYS C 48 -17.28 -5.47 10.98
N VAL C 49 -16.03 -5.30 11.40
CA VAL C 49 -15.08 -4.50 10.63
C VAL C 49 -13.97 -5.39 10.12
N GLU C 50 -13.77 -5.34 8.81
CA GLU C 50 -12.71 -6.13 8.19
C GLU C 50 -11.53 -5.25 7.85
N HIS C 51 -10.39 -5.89 7.57
CA HIS C 51 -9.26 -5.06 7.17
C HIS C 51 -8.38 -5.79 6.17
N SER C 52 -7.59 -5.01 5.46
CA SER C 52 -6.68 -5.52 4.46
C SER C 52 -5.44 -6.18 5.09
N ASP C 53 -4.66 -6.88 4.25
CA ASP C 53 -3.45 -7.53 4.75
C ASP C 53 -2.32 -6.53 4.81
N LEU C 54 -1.56 -6.58 5.93
CA LEU C 54 -0.46 -5.63 6.15
C LEU C 54 0.47 -5.55 4.93
N SER C 55 0.72 -4.32 4.50
CA SER C 55 1.68 -4.07 3.45
C SER C 55 2.36 -2.75 3.74
N PHE C 56 3.26 -2.34 2.85
CA PHE C 56 4.03 -1.14 3.19
C PHE C 56 4.45 -0.43 1.92
N SER C 57 4.82 0.82 2.12
CA SER C 57 5.22 1.77 1.08
C SER C 57 6.73 1.77 0.85
N LYS C 58 7.15 2.52 -0.17
CA LYS C 58 8.56 2.63 -0.53
C LYS C 58 9.43 3.08 0.63
N ASP C 59 8.90 3.93 1.54
CA ASP C 59 9.69 4.36 2.69
C ASP C 59 9.63 3.39 3.88
N TRP C 60 9.08 2.21 3.67
CA TRP C 60 8.94 1.10 4.60
C TRP C 60 7.79 1.30 5.58
N SER C 61 7.08 2.42 5.55
CA SER C 61 5.97 2.57 6.50
C SER C 61 4.76 1.76 6.05
N PHE C 62 3.95 1.37 7.01
CA PHE C 62 2.87 0.42 6.81
C PHE C 62 1.57 1.12 6.46
N TYR C 63 0.70 0.36 5.80
CA TYR C 63 -0.65 0.86 5.56
C TYR C 63 -1.66 -0.28 5.65
N LEU C 64 -2.87 0.09 6.06
CA LEU C 64 -3.99 -0.85 6.20
C LEU C 64 -5.27 -0.13 5.81
N LEU C 65 -6.23 -0.87 5.24
CA LEU C 65 -7.58 -0.36 5.03
C LEU C 65 -8.53 -1.12 5.95
N TYR C 66 -9.27 -0.40 6.79
CA TYR C 66 -10.35 -1.02 7.58
C TYR C 66 -11.69 -0.60 7.00
N TYR C 67 -12.65 -1.51 6.95
CA TYR C 67 -13.88 -1.23 6.20
C TYR C 67 -15.07 -2.00 6.76
N THR C 68 -16.27 -1.43 6.57
CA THR C 68 -17.50 -2.09 6.99
C THR C 68 -18.63 -1.64 6.07
N GLU C 69 -19.65 -2.47 5.88
CA GLU C 69 -20.82 -1.98 5.14
C GLU C 69 -21.62 -1.07 6.05
N PHE C 70 -22.20 -0.01 5.49
CA PHE C 70 -23.01 0.87 6.32
C PHE C 70 -24.01 1.58 5.43
N THR C 71 -25.09 2.06 6.05
CA THR C 71 -26.11 2.84 5.35
C THR C 71 -26.18 4.20 6.03
N PRO C 72 -25.61 5.25 5.42
CA PRO C 72 -25.55 6.55 6.09
C PRO C 72 -26.94 7.12 6.28
N THR C 73 -27.11 7.88 7.35
CA THR C 73 -28.38 8.54 7.63
C THR C 73 -28.10 9.97 8.07
N GLU C 74 -29.19 10.74 8.15
CA GLU C 74 -29.12 12.09 8.70
C GLU C 74 -28.51 12.09 10.11
N LYS C 75 -28.99 11.21 11.00
CA LYS C 75 -28.71 11.31 12.42
C LYS C 75 -27.49 10.55 12.89
N ASP C 76 -26.89 9.71 12.04
CA ASP C 76 -25.77 8.87 12.49
C ASP C 76 -24.45 9.56 12.20
N GLU C 77 -23.56 9.56 13.19
CA GLU C 77 -22.23 10.16 13.08
C GLU C 77 -21.22 9.03 13.01
N TYR C 78 -20.28 9.12 12.07
CA TYR C 78 -19.28 8.06 11.95
C TYR C 78 -17.89 8.63 12.20
N ALA C 79 -16.97 7.78 12.66
CA ALA C 79 -15.59 8.22 12.89
C ALA C 79 -14.66 7.01 12.78
N CYS C 80 -13.36 7.29 12.67
CA CYS C 80 -12.33 6.26 12.73
C CYS C 80 -11.47 6.56 13.94
N ARG C 81 -11.17 5.53 14.76
CA ARG C 81 -10.36 5.68 15.95
C ARG C 81 -9.10 4.86 15.72
N VAL C 82 -7.94 5.46 15.98
CA VAL C 82 -6.65 4.79 15.80
C VAL C 82 -5.86 4.88 17.09
N ASN C 83 -5.30 3.76 17.51
CA ASN C 83 -4.34 3.75 18.60
C ASN C 83 -3.02 3.13 18.13
N HIS C 84 -1.92 3.66 18.65
CA HIS C 84 -0.58 3.30 18.18
C HIS C 84 0.39 3.76 19.24
N VAL C 85 1.57 3.12 19.27
CA VAL C 85 2.54 3.46 20.30
C VAL C 85 2.98 4.92 20.21
N THR C 86 2.87 5.55 19.03
CA THR C 86 3.28 6.94 18.84
C THR C 86 2.28 7.94 19.38
N LEU C 87 1.08 7.52 19.75
CA LEU C 87 -0.02 8.40 20.11
C LEU C 87 -0.20 8.47 21.62
N SER C 88 -0.23 9.70 22.15
CA SER C 88 -0.41 9.86 23.58
C SER C 88 -1.83 9.49 24.01
N GLN C 89 -2.80 9.65 23.12
CA GLN C 89 -4.17 9.21 23.32
C GLN C 89 -4.67 8.78 21.94
N PRO C 90 -5.72 7.95 21.88
CA PRO C 90 -6.25 7.56 20.56
C PRO C 90 -6.67 8.77 19.75
N LYS C 91 -6.43 8.69 18.43
CA LYS C 91 -6.81 9.73 17.48
C LYS C 91 -8.14 9.36 16.87
N ILE C 92 -9.11 10.27 16.96
CA ILE C 92 -10.46 10.03 16.45
C ILE C 92 -10.69 11.07 15.37
N VAL C 93 -10.94 10.61 14.14
CA VAL C 93 -11.21 11.48 13.00
C VAL C 93 -12.65 11.24 12.60
N LYS C 94 -13.46 12.31 12.60
CA LYS C 94 -14.86 12.18 12.21
C LYS C 94 -15.00 12.09 10.70
N TRP C 95 -15.96 11.25 10.27
CA TRP C 95 -16.31 11.17 8.84
C TRP C 95 -17.04 12.45 8.41
N ASP C 96 -16.59 13.04 7.29
CA ASP C 96 -17.17 14.24 6.67
C ASP C 96 -17.43 13.84 5.23
N ARG C 97 -18.70 13.83 4.82
CA ARG C 97 -18.97 13.19 3.54
C ARG C 97 -18.24 13.86 2.35
N ASP C 98 -17.62 15.04 2.54
CA ASP C 98 -16.84 15.63 1.46
C ASP C 98 -15.33 15.65 1.73
N MET C 99 -14.83 14.62 2.40
CA MET C 99 -13.40 14.51 2.62
C MET C 99 -12.94 13.05 2.36
#